data_4FL5
#
_entry.id   4FL5
#
_cell.length_a   62.690
_cell.length_b   70.080
_cell.length_c   128.130
_cell.angle_alpha   90.00
_cell.angle_beta   90.00
_cell.angle_gamma   90.00
#
_symmetry.space_group_name_H-M   'P 21 21 21'
#
loop_
_entity.id
_entity.type
_entity.pdbx_description
1 polymer '14-3-3 protein sigma'
2 polymer 'Microtubule-associated protein tau'
3 non-polymer 'CHLORIDE ION'
4 non-polymer 'MAGNESIUM ION'
5 non-polymer 'CALCIUM ION'
6 non-polymer GLYCEROL
7 water water
#
loop_
_entity_poly.entity_id
_entity_poly.type
_entity_poly.pdbx_seq_one_letter_code
_entity_poly.pdbx_strand_id
1 'polypeptide(L)'
;GAMGSMERASLIQKAKLAEQAERYEDMAAFMKGAVEKGEELS(CSO)EERNLLSVAYKNVVGGQRAAWRVLSSIEQKSNE
EGSEEKGPEVREYREKVETELQGVCDTVLGLLDSHLIKEAGDAESRVFYLKMKGDYYRYLAEVATGDDKKRIIDSARSAY
QEAMDISKKEMPPTNPIRLGLALNFSVFHYEIANSPEEAISLAKTTFDEAMADLHTLSEDSYKDSTLIMQLLRDNLTLWT
;
A,B
2 'polypeptide(L)' SRTP(SEP)LPTPP P,Q
#
# COMPACT_ATOMS: atom_id res chain seq x y z
N GLY A 1 6.18 -2.67 -21.37
CA GLY A 1 5.43 -1.82 -22.31
C GLY A 1 4.67 -0.95 -21.38
N ALA A 2 4.49 0.34 -21.71
CA ALA A 2 4.91 0.93 -23.01
C ALA A 2 6.44 0.99 -23.23
N MET A 3 7.24 0.74 -22.17
CA MET A 3 8.72 0.85 -22.30
C MET A 3 9.36 -0.53 -22.38
N GLY A 4 8.52 -1.59 -22.37
CA GLY A 4 8.98 -2.98 -22.23
C GLY A 4 9.87 -3.38 -23.39
N SER A 5 9.60 -2.79 -24.56
CA SER A 5 10.41 -3.18 -25.72
C SER A 5 11.64 -2.29 -25.93
N MET A 6 11.83 -1.24 -25.13
CA MET A 6 12.96 -0.33 -25.31
C MET A 6 14.20 -0.75 -24.49
N GLU A 7 15.37 -0.70 -25.10
CA GLU A 7 16.65 -0.99 -24.41
C GLU A 7 16.82 -0.11 -23.19
N ARG A 8 17.34 -0.69 -22.10
CA ARG A 8 17.66 0.12 -20.90
C ARG A 8 18.47 1.35 -21.21
N ALA A 9 19.56 1.23 -22.02
CA ALA A 9 20.42 2.37 -22.34
C ALA A 9 19.67 3.49 -23.07
N SER A 10 18.71 3.11 -23.90
CA SER A 10 17.93 4.08 -24.67
CA SER A 10 17.96 4.12 -24.67
C SER A 10 16.95 4.79 -23.76
N LEU A 11 16.40 4.06 -22.79
CA LEU A 11 15.50 4.75 -21.81
C LEU A 11 16.28 5.80 -20.99
N ILE A 12 17.53 5.48 -20.64
CA ILE A 12 18.31 6.40 -19.81
C ILE A 12 18.64 7.65 -20.68
N GLN A 13 19.06 7.35 -21.91
CA GLN A 13 19.39 8.43 -22.84
C GLN A 13 18.20 9.35 -23.06
N LYS A 14 17.02 8.78 -23.17
CA LYS A 14 15.83 9.61 -23.40
C LYS A 14 15.41 10.32 -22.17
N ALA A 15 15.66 9.70 -21.01
CA ALA A 15 15.34 10.42 -19.77
C ALA A 15 16.20 11.70 -19.76
N LYS A 16 17.48 11.60 -20.14
CA LYS A 16 18.33 12.79 -20.14
C LYS A 16 17.87 13.83 -21.17
N LEU A 17 17.44 13.43 -22.38
CA LEU A 17 16.90 14.43 -23.37
C LEU A 17 15.61 15.04 -22.82
N ALA A 18 14.78 14.23 -22.15
CA ALA A 18 13.49 14.78 -21.59
C ALA A 18 13.80 15.83 -20.51
N GLU A 19 14.86 15.61 -19.76
CA GLU A 19 15.30 16.58 -18.78
C GLU A 19 15.72 17.89 -19.48
N GLN A 20 16.52 17.77 -20.52
CA GLN A 20 16.90 18.99 -21.21
C GLN A 20 15.72 19.74 -21.81
N ALA A 21 14.71 19.03 -22.27
CA ALA A 21 13.46 19.65 -22.79
C ALA A 21 12.43 20.00 -21.68
N GLU A 22 12.82 19.80 -20.42
CA GLU A 22 11.96 20.00 -19.22
CA GLU A 22 11.96 20.02 -19.24
C GLU A 22 10.66 19.26 -19.37
N ARG A 23 10.74 18.04 -19.89
CA ARG A 23 9.57 17.21 -20.05
C ARG A 23 9.63 16.18 -18.94
N TYR A 24 9.27 16.60 -17.74
CA TYR A 24 9.53 15.72 -16.58
C TYR A 24 8.58 14.57 -16.44
N GLU A 25 7.36 14.64 -17.02
CA GLU A 25 6.51 13.45 -17.00
CA GLU A 25 6.46 13.46 -17.06
C GLU A 25 7.13 12.37 -17.91
N ASP A 26 7.60 12.75 -19.09
CA ASP A 26 8.28 11.78 -19.99
C ASP A 26 9.54 11.26 -19.30
N MET A 27 10.31 12.16 -18.72
CA MET A 27 11.53 11.71 -18.02
C MET A 27 11.19 10.64 -16.95
N ALA A 28 10.14 10.90 -16.15
CA ALA A 28 9.77 9.93 -15.09
C ALA A 28 9.40 8.60 -15.73
N ALA A 29 8.65 8.64 -16.86
CA ALA A 29 8.16 7.41 -17.45
C ALA A 29 9.34 6.57 -18.02
N PHE A 30 10.34 7.26 -18.57
CA PHE A 30 11.54 6.62 -19.12
C PHE A 30 12.37 6.01 -17.95
N MET A 31 12.50 6.76 -16.84
CA MET A 31 13.27 6.22 -15.71
C MET A 31 12.54 5.06 -15.04
N LYS A 32 11.20 5.09 -15.02
CA LYS A 32 10.42 3.93 -14.52
C LYS A 32 10.60 2.69 -15.37
N GLY A 33 10.64 2.90 -16.69
CA GLY A 33 10.90 1.77 -17.60
C GLY A 33 12.31 1.24 -17.35
N ALA A 34 13.25 2.17 -17.07
CA ALA A 34 14.63 1.72 -16.79
C ALA A 34 14.72 0.90 -15.53
N VAL A 35 14.10 1.38 -14.48
CA VAL A 35 14.14 0.61 -13.22
C VAL A 35 13.52 -0.82 -13.46
N GLU A 36 12.49 -0.89 -14.30
CA GLU A 36 11.76 -2.17 -14.51
C GLU A 36 12.58 -3.16 -15.33
N LYS A 37 13.74 -2.75 -15.79
CA LYS A 37 14.65 -3.69 -16.45
C LYS A 37 15.29 -4.55 -15.36
N GLY A 38 15.16 -4.12 -14.10
CA GLY A 38 15.62 -5.02 -13.04
C GLY A 38 17.11 -4.96 -12.67
N GLU A 39 17.88 -4.09 -13.30
CA GLU A 39 19.28 -3.91 -12.90
CA GLU A 39 19.30 -3.87 -12.96
C GLU A 39 19.33 -2.74 -11.88
N GLU A 40 20.31 -2.73 -10.98
CA GLU A 40 20.41 -1.66 -9.99
CA GLU A 40 20.51 -1.65 -10.00
C GLU A 40 20.76 -0.34 -10.73
N LEU A 41 20.35 0.79 -10.15
CA LEU A 41 20.64 2.09 -10.76
C LEU A 41 22.00 2.61 -10.30
N SER A 42 22.77 3.21 -11.20
CA SER A 42 24.00 3.87 -10.77
C SER A 42 23.65 5.18 -9.99
N GLU A 44 24.34 8.24 -10.84
CA GLU A 44 23.75 9.27 -11.78
C GLU A 44 22.30 8.87 -12.12
N GLU A 45 22.05 7.57 -12.26
CA GLU A 45 20.67 7.15 -12.65
C GLU A 45 19.68 7.36 -11.47
N ARG A 46 20.10 7.13 -10.22
CA ARG A 46 19.24 7.38 -9.05
C ARG A 46 18.85 8.85 -9.05
N ASN A 47 19.80 9.73 -9.32
CA ASN A 47 19.49 11.14 -9.40
C ASN A 47 18.53 11.55 -10.51
N LEU A 48 18.64 10.91 -11.67
CA LEU A 48 17.69 11.09 -12.76
C LEU A 48 16.27 10.67 -12.33
N LEU A 49 16.13 9.46 -11.77
CA LEU A 49 14.85 9.02 -11.30
C LEU A 49 14.26 10.04 -10.33
N SER A 50 15.08 10.48 -9.37
CA SER A 50 14.53 11.35 -8.37
C SER A 50 14.20 12.74 -8.91
N VAL A 51 15.05 13.32 -9.77
CA VAL A 51 14.75 14.63 -10.34
C VAL A 51 13.42 14.58 -11.13
N ALA A 52 13.22 13.47 -11.84
CA ALA A 52 12.04 13.36 -12.68
C ALA A 52 10.80 13.40 -11.80
N TYR A 53 10.70 12.50 -10.84
CA TYR A 53 9.48 12.44 -10.00
C TYR A 53 9.36 13.69 -9.08
N LYS A 54 10.47 14.30 -8.67
CA LYS A 54 10.42 15.49 -7.83
CA LYS A 54 10.44 15.49 -7.83
C LYS A 54 9.71 16.56 -8.60
N ASN A 55 10.04 16.67 -9.88
CA ASN A 55 9.36 17.70 -10.68
C ASN A 55 7.91 17.39 -10.94
N VAL A 56 7.58 16.12 -11.23
CA VAL A 56 6.18 15.78 -11.47
C VAL A 56 5.34 16.05 -10.18
N VAL A 57 5.74 15.47 -9.03
CA VAL A 57 4.96 15.68 -7.82
CA VAL A 57 4.94 15.70 -7.82
C VAL A 57 5.05 17.14 -7.33
N GLY A 58 6.15 17.85 -7.65
CA GLY A 58 6.31 19.27 -7.29
C GLY A 58 5.18 20.11 -7.88
N GLY A 59 4.93 19.90 -9.16
CA GLY A 59 3.77 20.53 -9.83
C GLY A 59 2.43 20.20 -9.22
N GLN A 60 2.17 18.94 -8.97
CA GLN A 60 0.92 18.51 -8.40
C GLN A 60 0.72 19.06 -7.01
N ARG A 61 1.77 19.04 -6.19
CA ARG A 61 1.68 19.65 -4.88
C ARG A 61 1.38 21.15 -4.92
N ALA A 62 2.06 21.87 -5.80
CA ALA A 62 1.84 23.29 -5.93
C ALA A 62 0.37 23.52 -6.37
N ALA A 63 -0.14 22.72 -7.32
CA ALA A 63 -1.55 22.93 -7.78
C ALA A 63 -2.51 22.61 -6.64
N TRP A 64 -2.20 21.54 -5.90
CA TRP A 64 -3.09 21.10 -4.83
C TRP A 64 -3.15 22.21 -3.82
N ARG A 65 -2.00 22.79 -3.44
CA ARG A 65 -2.02 23.89 -2.44
CA ARG A 65 -2.05 23.86 -2.43
C ARG A 65 -2.85 25.10 -2.90
N VAL A 66 -2.72 25.48 -4.16
CA VAL A 66 -3.61 26.51 -4.76
C VAL A 66 -5.07 26.16 -4.58
N LEU A 67 -5.47 24.96 -4.96
CA LEU A 67 -6.87 24.61 -4.99
C LEU A 67 -7.35 24.44 -3.56
N SER A 68 -6.48 23.91 -2.69
CA SER A 68 -6.85 23.76 -1.25
CA SER A 68 -6.89 23.78 -1.27
C SER A 68 -7.18 25.12 -0.63
N SER A 69 -6.35 26.11 -0.93
CA SER A 69 -6.55 27.45 -0.40
CA SER A 69 -6.56 27.45 -0.37
CA SER A 69 -6.55 27.46 -0.39
C SER A 69 -7.87 28.07 -0.86
N ILE A 70 -8.18 27.93 -2.14
CA ILE A 70 -9.45 28.41 -2.74
C ILE A 70 -10.61 27.71 -2.08
N GLU A 71 -10.51 26.40 -1.89
CA GLU A 71 -11.55 25.61 -1.19
C GLU A 71 -11.78 26.04 0.27
N GLN A 72 -10.71 26.23 1.04
CA GLN A 72 -10.88 26.74 2.39
C GLN A 72 -11.47 28.17 2.38
N LYS A 73 -11.05 29.03 1.47
CA LYS A 73 -11.67 30.36 1.43
C LYS A 73 -13.19 30.27 1.21
N SER A 74 -13.63 29.34 0.37
CA SER A 74 -15.05 29.15 0.09
C SER A 74 -15.77 28.35 1.18
N ASN A 75 -15.03 27.74 2.10
CA ASN A 75 -15.67 27.07 3.24
C ASN A 75 -15.81 27.92 4.52
N LYS A 82 -23.08 27.30 -2.63
CA LYS A 82 -21.78 26.99 -3.27
C LYS A 82 -21.73 25.56 -3.92
N GLY A 83 -21.23 25.48 -5.17
CA GLY A 83 -21.29 24.20 -5.86
C GLY A 83 -20.11 23.31 -5.51
N PRO A 84 -20.13 22.07 -6.00
CA PRO A 84 -19.11 21.10 -5.63
C PRO A 84 -17.83 21.24 -6.47
N GLU A 85 -17.75 22.21 -7.39
CA GLU A 85 -16.67 22.17 -8.45
C GLU A 85 -15.25 22.32 -7.86
N VAL A 86 -15.11 23.23 -6.92
CA VAL A 86 -13.76 23.46 -6.30
C VAL A 86 -13.30 22.19 -5.61
N ARG A 87 -14.13 21.62 -4.73
CA ARG A 87 -13.76 20.34 -4.08
CA ARG A 87 -13.83 20.36 -4.07
C ARG A 87 -13.56 19.23 -5.10
N GLU A 88 -14.45 19.06 -6.10
CA GLU A 88 -14.21 18.08 -7.15
C GLU A 88 -12.81 18.19 -7.79
N TYR A 89 -12.43 19.41 -8.17
CA TYR A 89 -11.20 19.55 -8.98
C TYR A 89 -9.95 19.39 -8.03
N ARG A 90 -10.09 19.84 -6.78
CA ARG A 90 -9.02 19.58 -5.73
C ARG A 90 -8.88 18.06 -5.56
N GLU A 91 -10.00 17.35 -5.50
CA GLU A 91 -9.96 15.91 -5.32
CA GLU A 91 -9.99 15.91 -5.33
C GLU A 91 -9.34 15.24 -6.50
N LYS A 92 -9.58 15.80 -7.71
CA LYS A 92 -8.99 15.22 -8.91
CA LYS A 92 -9.00 15.18 -8.90
C LYS A 92 -7.46 15.35 -8.87
N VAL A 93 -7.01 16.54 -8.56
CA VAL A 93 -5.58 16.78 -8.47
C VAL A 93 -4.96 15.88 -7.36
N GLU A 94 -5.61 15.86 -6.22
CA GLU A 94 -5.19 15.03 -5.12
C GLU A 94 -5.01 13.57 -5.53
N THR A 95 -6.01 13.00 -6.18
CA THR A 95 -5.94 11.60 -6.57
CA THR A 95 -5.92 11.59 -6.57
CA THR A 95 -5.87 11.57 -6.52
C THR A 95 -4.78 11.34 -7.55
N GLU A 96 -4.53 12.30 -8.46
CA GLU A 96 -3.43 12.16 -9.38
CA GLU A 96 -3.43 12.19 -9.39
C GLU A 96 -2.06 12.18 -8.65
N LEU A 97 -1.93 13.11 -7.72
CA LEU A 97 -0.73 13.26 -6.86
CA LEU A 97 -0.72 13.24 -6.86
C LEU A 97 -0.53 11.98 -6.07
N GLN A 98 -1.60 11.49 -5.47
CA GLN A 98 -1.49 10.20 -4.74
C GLN A 98 -1.03 9.05 -5.65
N GLY A 99 -1.55 9.03 -6.86
CA GLY A 99 -1.16 8.05 -7.85
C GLY A 99 0.34 8.06 -8.18
N VAL A 100 0.89 9.25 -8.32
CA VAL A 100 2.33 9.37 -8.62
C VAL A 100 3.13 8.97 -7.36
N CYS A 101 2.71 9.38 -6.18
CA CYS A 101 3.34 8.87 -4.91
C CYS A 101 3.35 7.34 -4.79
N ASP A 102 2.22 6.74 -5.10
CA ASP A 102 2.11 5.31 -5.03
C ASP A 102 3.00 4.66 -6.10
N THR A 103 3.17 5.32 -7.24
CA THR A 103 4.01 4.76 -8.33
C THR A 103 5.45 4.73 -7.84
N VAL A 104 5.89 5.82 -7.22
CA VAL A 104 7.29 5.93 -6.76
C VAL A 104 7.48 4.92 -5.62
N LEU A 105 6.55 4.89 -4.67
CA LEU A 105 6.73 4.00 -3.52
C LEU A 105 6.75 2.54 -4.04
N GLY A 106 5.91 2.24 -5.02
CA GLY A 106 5.94 0.94 -5.69
C GLY A 106 7.26 0.57 -6.33
N LEU A 107 7.89 1.55 -6.99
CA LEU A 107 9.18 1.25 -7.61
C LEU A 107 10.21 1.04 -6.55
N LEU A 108 10.12 1.85 -5.48
CA LEU A 108 11.05 1.67 -4.37
C LEU A 108 10.88 0.29 -3.71
N ASP A 109 9.65 -0.07 -3.37
CA ASP A 109 9.39 -1.36 -2.69
CA ASP A 109 9.47 -1.34 -2.65
C ASP A 109 9.65 -2.56 -3.56
N SER A 110 9.26 -2.49 -4.83
CA SER A 110 9.29 -3.71 -5.65
C SER A 110 10.65 -3.93 -6.30
N HIS A 111 11.36 -2.84 -6.55
CA HIS A 111 12.60 -2.93 -7.34
C HIS A 111 13.87 -2.45 -6.62
N LEU A 112 13.79 -1.41 -5.85
CA LEU A 112 15.00 -0.67 -5.57
C LEU A 112 15.53 -0.88 -4.14
N ILE A 113 14.68 -0.84 -3.14
CA ILE A 113 15.14 -1.00 -1.76
C ILE A 113 15.60 -2.48 -1.59
N LYS A 114 16.83 -2.58 -1.07
N LYS A 114 16.76 -2.72 -1.01
CA LYS A 114 17.45 -3.87 -0.89
CA LYS A 114 17.02 -4.15 -0.73
C LYS A 114 17.96 -3.97 0.58
C LYS A 114 17.43 -5.01 -1.93
N GLU A 115 17.93 -5.18 1.13
N GLU A 115 17.60 -4.43 -3.10
CA GLU A 115 18.58 -5.36 2.42
CA GLU A 115 18.81 -4.86 -3.79
C GLU A 115 20.10 -5.34 2.17
C GLU A 115 19.95 -3.90 -3.44
N ALA A 116 20.51 -5.67 0.95
N ALA A 116 19.62 -2.80 -2.72
CA ALA A 116 21.91 -5.78 0.59
CA ALA A 116 20.64 -1.79 -2.35
C ALA A 116 22.58 -4.40 0.66
C ALA A 116 21.44 -2.22 -1.16
N GLY A 117 22.84 -3.80 -0.48
N GLY A 117 22.67 -2.62 -1.40
CA GLY A 117 23.08 -2.36 -0.54
CA GLY A 117 23.61 -2.88 -0.31
C GLY A 117 24.37 -1.72 -0.03
C GLY A 117 24.48 -1.69 0.08
N ASP A 118 24.97 -0.92 -0.89
CA ASP A 118 25.91 0.11 -0.48
C ASP A 118 25.17 1.20 0.31
N ALA A 119 25.80 1.86 1.26
CA ALA A 119 25.09 2.88 2.06
C ALA A 119 24.56 3.94 1.16
N GLU A 120 25.31 4.33 0.11
CA GLU A 120 24.89 5.49 -0.66
C GLU A 120 23.56 5.17 -1.39
N SER A 121 23.38 3.93 -1.89
CA SER A 121 22.06 3.62 -2.49
C SER A 121 20.98 3.36 -1.47
N ARG A 122 21.28 2.62 -0.39
CA ARG A 122 20.23 2.26 0.56
CA ARG A 122 20.29 2.25 0.62
C ARG A 122 19.69 3.52 1.24
N VAL A 123 20.59 4.44 1.65
CA VAL A 123 20.12 5.70 2.26
C VAL A 123 19.31 6.57 1.28
N PHE A 124 19.77 6.67 0.03
CA PHE A 124 19.11 7.48 -0.96
C PHE A 124 17.66 6.96 -1.12
N TYR A 125 17.48 5.66 -1.28
CA TYR A 125 16.12 5.17 -1.50
C TYR A 125 15.25 5.25 -0.28
N LEU A 126 15.80 5.01 0.90
CA LEU A 126 14.96 5.13 2.08
C LEU A 126 14.56 6.60 2.34
N LYS A 127 15.49 7.54 2.10
CA LYS A 127 15.08 8.94 2.16
C LYS A 127 13.93 9.18 1.18
N MET A 128 14.05 8.69 -0.05
CA MET A 128 13.00 8.85 -1.03
CA MET A 128 13.00 8.92 -1.00
C MET A 128 11.66 8.32 -0.53
N LYS A 129 11.71 7.12 0.06
CA LYS A 129 10.51 6.49 0.58
C LYS A 129 9.88 7.43 1.66
N GLY A 130 10.73 8.00 2.49
CA GLY A 130 10.25 8.92 3.52
C GLY A 130 9.62 10.15 2.88
N ASP A 131 10.28 10.69 1.85
CA ASP A 131 9.78 11.87 1.19
C ASP A 131 8.42 11.62 0.57
N TYR A 132 8.28 10.52 -0.17
CA TYR A 132 6.99 10.31 -0.87
C TYR A 132 5.86 9.97 0.10
N TYR A 133 6.15 9.25 1.17
CA TYR A 133 5.11 9.13 2.21
C TYR A 133 4.75 10.50 2.84
N ARG A 134 5.76 11.34 3.02
CA ARG A 134 5.51 12.68 3.51
C ARG A 134 4.58 13.46 2.56
N TYR A 135 4.75 13.28 1.25
CA TYR A 135 3.88 14.03 0.33
C TYR A 135 2.45 13.48 0.43
N LEU A 136 2.30 12.14 0.56
CA LEU A 136 0.97 11.52 0.88
C LEU A 136 0.42 12.11 2.21
N ALA A 137 1.30 12.31 3.19
CA ALA A 137 0.81 12.85 4.49
C ALA A 137 0.33 14.24 4.39
N GLU A 138 0.92 15.04 3.50
CA GLU A 138 0.46 16.41 3.34
C GLU A 138 -1.03 16.50 2.91
N VAL A 139 -1.56 15.50 2.21
CA VAL A 139 -2.94 15.59 1.71
C VAL A 139 -3.91 14.64 2.45
N ALA A 140 -3.38 13.88 3.41
CA ALA A 140 -4.12 12.87 4.08
C ALA A 140 -4.89 13.50 5.22
N THR A 141 -5.97 12.87 5.62
CA THR A 141 -6.67 13.29 6.84
CA THR A 141 -6.62 13.28 6.88
C THR A 141 -6.93 12.09 7.82
N GLY A 142 -7.02 12.39 9.15
CA GLY A 142 -7.46 11.41 10.22
C GLY A 142 -6.56 10.20 10.46
N ASP A 143 -7.16 9.02 10.65
CA ASP A 143 -6.36 7.80 10.91
C ASP A 143 -5.47 7.32 9.72
N ASP A 144 -5.96 7.50 8.46
CA ASP A 144 -5.13 7.19 7.30
CA ASP A 144 -5.12 7.16 7.32
C ASP A 144 -3.84 8.01 7.47
N LYS A 145 -4.02 9.24 7.95
CA LYS A 145 -2.93 10.14 8.12
C LYS A 145 -1.94 9.57 9.14
N LYS A 146 -2.40 8.96 10.24
CA LYS A 146 -1.40 8.62 11.27
C LYS A 146 -0.55 7.48 10.77
N ARG A 147 -1.13 6.58 9.99
CA ARG A 147 -0.44 5.41 9.47
CA ARG A 147 -0.31 5.47 9.60
C ARG A 147 0.62 5.89 8.48
N ILE A 148 0.20 6.86 7.66
CA ILE A 148 1.08 7.38 6.60
C ILE A 148 2.28 8.10 7.25
N ILE A 149 1.99 8.90 8.26
CA ILE A 149 3.04 9.59 9.01
C ILE A 149 4.00 8.61 9.62
N ASP A 150 3.51 7.55 10.22
CA ASP A 150 4.38 6.54 10.73
C ASP A 150 5.22 5.82 9.65
N SER A 151 4.68 5.56 8.47
CA SER A 151 5.52 4.97 7.39
C SER A 151 6.67 5.93 6.95
N ALA A 152 6.34 7.19 6.84
CA ALA A 152 7.42 8.18 6.53
C ALA A 152 8.47 8.17 7.61
N ARG A 153 8.04 8.30 8.89
CA ARG A 153 8.97 8.32 10.03
CA ARG A 153 8.94 8.30 10.05
C ARG A 153 9.85 7.09 10.01
N SER A 154 9.24 5.92 9.79
CA SER A 154 9.99 4.65 9.83
CA SER A 154 10.02 4.67 9.85
C SER A 154 11.06 4.61 8.73
N ALA A 155 10.72 5.08 7.55
CA ALA A 155 11.70 5.12 6.43
C ALA A 155 12.82 6.09 6.71
N TYR A 156 12.50 7.32 7.10
CA TYR A 156 13.54 8.28 7.48
C TYR A 156 14.46 7.78 8.62
N GLN A 157 13.85 7.13 9.62
CA GLN A 157 14.62 6.58 10.74
C GLN A 157 15.63 5.52 10.32
N GLU A 158 15.22 4.60 9.47
CA GLU A 158 16.15 3.55 9.01
CA GLU A 158 16.11 3.55 8.96
C GLU A 158 17.25 4.21 8.22
N ALA A 159 16.86 5.13 7.34
CA ALA A 159 17.91 5.86 6.59
C ALA A 159 18.88 6.58 7.52
N MET A 160 18.37 7.27 8.53
CA MET A 160 19.27 7.96 9.49
CA MET A 160 19.22 7.96 9.52
C MET A 160 20.21 7.00 10.17
N ASP A 161 19.67 5.85 10.61
CA ASP A 161 20.52 4.92 11.35
C ASP A 161 21.66 4.45 10.46
N ILE A 162 21.35 4.09 9.23
CA ILE A 162 22.42 3.68 8.27
C ILE A 162 23.44 4.80 8.01
N SER A 163 22.95 6.02 7.79
CA SER A 163 23.82 7.13 7.44
CA SER A 163 23.81 7.16 7.47
C SER A 163 24.77 7.43 8.59
N LYS A 164 24.31 7.24 9.84
CA LYS A 164 25.15 7.63 10.92
C LYS A 164 26.18 6.54 11.18
N LYS A 165 25.88 5.31 10.81
CA LYS A 165 26.85 4.24 10.92
CA LYS A 165 26.85 4.23 10.94
C LYS A 165 27.86 4.24 9.79
N GLU A 166 27.43 4.60 8.60
CA GLU A 166 28.18 4.21 7.40
CA GLU A 166 28.15 4.22 7.38
CA GLU A 166 28.17 4.20 7.38
C GLU A 166 28.70 5.40 6.61
N MET A 167 28.34 6.61 7.01
CA MET A 167 28.76 7.83 6.22
C MET A 167 29.33 8.87 7.13
N PRO A 168 30.29 9.67 6.64
CA PRO A 168 30.79 10.77 7.46
C PRO A 168 29.72 11.87 7.62
N PRO A 169 29.86 12.70 8.64
CA PRO A 169 28.77 13.63 8.92
C PRO A 169 28.69 14.76 7.89
N THR A 170 29.62 14.91 6.95
CA THR A 170 29.49 15.90 5.86
C THR A 170 28.90 15.28 4.59
N ASN A 171 28.59 13.97 4.61
CA ASN A 171 28.19 13.31 3.35
C ASN A 171 26.89 13.99 2.85
N PRO A 172 26.86 14.44 1.61
CA PRO A 172 25.70 15.22 1.16
C PRO A 172 24.41 14.45 1.19
N ILE A 173 24.45 13.13 0.96
CA ILE A 173 23.20 12.36 0.98
C ILE A 173 22.71 12.35 2.43
N ARG A 174 23.65 12.10 3.37
CA ARG A 174 23.32 12.17 4.83
C ARG A 174 22.79 13.53 5.25
N LEU A 175 23.39 14.61 4.74
CA LEU A 175 22.91 15.90 5.04
C LEU A 175 21.50 16.16 4.52
N GLY A 176 21.25 15.82 3.26
CA GLY A 176 19.96 16.09 2.64
C GLY A 176 18.89 15.28 3.37
N LEU A 177 19.22 14.06 3.78
CA LEU A 177 18.28 13.23 4.56
C LEU A 177 17.93 13.95 5.86
N ALA A 178 18.95 14.41 6.62
CA ALA A 178 18.64 15.06 7.94
C ALA A 178 17.77 16.27 7.69
N LEU A 179 18.11 17.05 6.68
CA LEU A 179 17.28 18.26 6.32
C LEU A 179 15.80 17.86 6.11
N ASN A 180 15.54 16.86 5.26
CA ASN A 180 14.15 16.45 5.00
C ASN A 180 13.47 15.79 6.19
N PHE A 181 14.20 15.00 6.95
CA PHE A 181 13.60 14.42 8.15
C PHE A 181 13.28 15.55 9.17
N SER A 182 14.17 16.55 9.27
CA SER A 182 13.89 17.70 10.18
CA SER A 182 13.89 17.67 10.17
C SER A 182 12.64 18.40 9.69
N VAL A 183 12.51 18.59 8.38
CA VAL A 183 11.23 19.19 7.85
C VAL A 183 10.01 18.31 8.14
N PHE A 184 10.14 16.99 8.00
CA PHE A 184 9.11 16.06 8.46
C PHE A 184 8.67 16.34 9.91
N HIS A 185 9.65 16.43 10.81
CA HIS A 185 9.33 16.68 12.20
C HIS A 185 8.60 17.95 12.35
N TYR A 186 9.05 19.00 11.67
CA TYR A 186 8.48 20.31 11.89
C TYR A 186 7.08 20.45 11.25
N GLU A 187 6.96 20.00 10.03
CA GLU A 187 5.77 20.33 9.25
C GLU A 187 4.74 19.23 9.35
N ILE A 188 5.18 18.00 9.58
CA ILE A 188 4.18 16.89 9.51
C ILE A 188 3.89 16.25 10.91
N ALA A 189 4.91 16.12 11.70
CA ALA A 189 4.82 15.33 12.90
C ALA A 189 4.54 16.18 14.10
N ASN A 190 4.37 17.48 13.91
CA ASN A 190 4.07 18.41 15.05
CA ASN A 190 4.08 18.40 15.02
CA ASN A 190 4.15 18.50 14.95
C ASN A 190 5.17 18.32 16.11
N SER A 191 6.43 18.20 15.69
CA SER A 191 7.51 18.07 16.67
C SER A 191 8.57 19.11 16.35
N PRO A 192 8.24 20.41 16.48
CA PRO A 192 9.27 21.41 16.14
C PRO A 192 10.57 21.31 16.94
N GLU A 193 10.52 20.92 18.22
CA GLU A 193 11.74 20.90 18.99
C GLU A 193 12.62 19.81 18.44
N GLU A 194 12.05 18.66 18.07
CA GLU A 194 12.89 17.59 17.49
C GLU A 194 13.51 18.07 16.13
N ALA A 195 12.71 18.81 15.34
CA ALA A 195 13.17 19.29 14.03
C ALA A 195 14.35 20.25 14.27
N ILE A 196 14.16 21.19 15.19
CA ILE A 196 15.26 22.15 15.53
C ILE A 196 16.54 21.44 16.03
N SER A 197 16.36 20.51 16.97
CA SER A 197 17.50 19.79 17.49
CA SER A 197 17.50 19.78 17.50
C SER A 197 18.22 18.98 16.38
N LEU A 198 17.46 18.30 15.52
CA LEU A 198 18.08 17.52 14.46
C LEU A 198 18.86 18.46 13.51
N ALA A 199 18.29 19.59 13.11
CA ALA A 199 19.01 20.47 12.12
C ALA A 199 20.29 21.03 12.76
N LYS A 200 20.18 21.41 14.03
CA LYS A 200 21.31 21.95 14.79
CA LYS A 200 21.32 21.98 14.72
C LYS A 200 22.45 20.96 14.89
N THR A 201 22.17 19.78 15.43
CA THR A 201 23.21 18.78 15.64
CA THR A 201 23.19 18.79 15.65
C THR A 201 23.81 18.39 14.31
N THR A 202 22.96 18.33 13.27
CA THR A 202 23.48 17.90 11.94
C THR A 202 24.46 18.93 11.44
N PHE A 203 24.04 20.19 11.52
CA PHE A 203 24.84 21.34 11.03
C PHE A 203 26.18 21.36 11.78
N ASP A 204 26.11 21.26 13.11
CA ASP A 204 27.33 21.44 13.94
C ASP A 204 28.30 20.27 13.76
N GLU A 205 27.79 19.05 13.63
CA GLU A 205 28.64 17.86 13.36
C GLU A 205 29.25 17.88 11.95
N ALA A 206 28.55 18.43 10.96
CA ALA A 206 29.13 18.62 9.64
C ALA A 206 30.23 19.76 9.69
N MET A 207 29.91 20.92 10.32
CA MET A 207 30.91 22.02 10.36
CA MET A 207 30.88 22.01 10.49
C MET A 207 32.25 21.52 10.95
N ALA A 208 32.18 20.68 11.98
CA ALA A 208 33.32 20.15 12.70
C ALA A 208 34.18 19.32 11.82
N ASP A 209 33.59 18.80 10.75
CA ASP A 209 34.25 17.84 9.87
CA ASP A 209 34.40 17.97 9.95
C ASP A 209 34.67 18.43 8.52
N LEU A 210 34.34 19.72 8.25
CA LEU A 210 34.65 20.29 6.93
C LEU A 210 36.14 20.27 6.61
N HIS A 211 36.97 20.32 7.65
CA HIS A 211 38.42 20.45 7.47
C HIS A 211 38.97 19.20 6.73
N THR A 212 38.23 18.09 6.70
CA THR A 212 38.73 16.91 6.00
C THR A 212 38.47 16.95 4.48
N LEU A 213 37.73 17.94 3.98
CA LEU A 213 37.27 17.91 2.59
C LEU A 213 38.09 18.74 1.61
N SER A 214 38.10 18.29 0.35
CA SER A 214 38.54 18.98 -0.85
CA SER A 214 38.68 19.11 -0.70
C SER A 214 37.66 20.18 -1.09
N GLU A 215 38.10 21.09 -1.97
CA GLU A 215 37.34 22.28 -2.29
C GLU A 215 35.96 21.91 -2.85
N ASP A 216 35.90 20.92 -3.75
CA ASP A 216 34.61 20.62 -4.37
C ASP A 216 33.64 19.87 -3.39
N SER A 217 34.16 18.95 -2.58
CA SER A 217 33.34 18.28 -1.56
C SER A 217 32.86 19.30 -0.50
N TYR A 218 33.75 20.23 -0.11
CA TYR A 218 33.41 21.30 0.80
C TYR A 218 32.22 22.07 0.19
N LYS A 219 32.26 22.44 -1.11
CA LYS A 219 31.07 23.17 -1.62
C LYS A 219 29.79 22.28 -1.59
N ASP A 220 29.89 21.03 -2.05
CA ASP A 220 28.69 20.15 -1.96
C ASP A 220 28.05 20.12 -0.60
N SER A 221 28.88 20.01 0.43
CA SER A 221 28.40 19.72 1.78
C SER A 221 27.87 21.08 2.32
N THR A 222 28.68 22.11 2.12
CA THR A 222 28.28 23.40 2.73
C THR A 222 26.96 23.96 2.15
N LEU A 223 26.74 23.75 0.86
CA LEU A 223 25.44 24.18 0.27
CA LEU A 223 25.46 24.16 0.26
C LEU A 223 24.30 23.60 1.04
N ILE A 224 24.39 22.32 1.41
CA ILE A 224 23.27 21.73 2.20
C ILE A 224 23.25 22.21 3.65
N MET A 225 24.41 22.34 4.28
CA MET A 225 24.47 22.98 5.59
C MET A 225 23.79 24.36 5.61
N GLN A 226 24.03 25.15 4.56
CA GLN A 226 23.38 26.48 4.48
C GLN A 226 21.86 26.33 4.46
N LEU A 227 21.34 25.31 3.77
CA LEU A 227 19.90 25.08 3.85
C LEU A 227 19.44 24.75 5.28
N LEU A 228 20.21 23.93 5.98
CA LEU A 228 19.87 23.64 7.41
C LEU A 228 19.79 24.90 8.25
N ARG A 229 20.81 25.74 8.10
CA ARG A 229 20.84 26.99 8.79
CA ARG A 229 20.83 27.00 8.79
C ARG A 229 19.63 27.86 8.40
N ASP A 230 19.28 27.92 7.10
CA ASP A 230 18.11 28.75 6.70
C ASP A 230 16.85 28.28 7.42
N ASN A 231 16.61 26.96 7.43
CA ASN A 231 15.50 26.49 8.26
C ASN A 231 15.62 26.81 9.76
N LEU A 232 16.82 26.65 10.32
CA LEU A 232 16.94 26.94 11.76
C LEU A 232 16.63 28.40 12.01
N THR A 233 17.12 29.24 11.14
CA THR A 233 16.86 30.69 11.21
CA THR A 233 16.84 30.64 11.36
C THR A 233 15.36 31.02 11.05
N LEU A 234 14.68 30.31 10.15
CA LEU A 234 13.25 30.49 9.96
CA LEU A 234 13.22 30.48 9.97
C LEU A 234 12.52 30.04 11.25
N TRP A 235 12.98 28.94 11.83
CA TRP A 235 12.24 28.33 12.93
C TRP A 235 12.49 28.91 14.34
N THR A 236 13.54 29.69 14.48
CA THR A 236 13.94 30.21 15.77
C THR A 236 14.29 31.67 15.61
N GLY B 1 -12.81 3.83 17.24
CA GLY B 1 -13.36 4.53 16.02
C GLY B 1 -14.77 5.07 16.17
N ALA B 2 -15.50 5.24 15.05
CA ALA B 2 -16.91 5.72 15.06
C ALA B 2 -18.00 5.04 15.91
N MET B 3 -17.88 3.71 16.11
CA MET B 3 -18.79 3.00 16.99
C MET B 3 -18.13 2.97 18.38
N GLY B 4 -17.13 3.84 18.58
CA GLY B 4 -16.30 3.81 19.76
C GLY B 4 -17.07 3.98 21.05
N SER B 5 -18.22 4.67 21.00
CA SER B 5 -18.91 4.91 22.30
C SER B 5 -19.86 3.80 22.63
N MET B 6 -20.06 2.78 21.76
CA MET B 6 -21.04 1.74 22.08
CA MET B 6 -21.04 1.71 22.03
C MET B 6 -20.30 0.54 22.65
N GLU B 7 -20.88 -0.08 23.67
CA GLU B 7 -20.30 -1.27 24.33
CA GLU B 7 -20.24 -1.25 24.29
C GLU B 7 -20.09 -2.39 23.29
N ARG B 8 -18.97 -3.13 23.42
CA ARG B 8 -18.76 -4.32 22.58
C ARG B 8 -19.94 -5.32 22.53
N ALA B 9 -20.56 -5.66 23.69
CA ALA B 9 -21.69 -6.57 23.67
C ALA B 9 -22.90 -5.99 22.92
N SER B 10 -23.08 -4.67 23.00
CA SER B 10 -24.23 -4.06 22.32
C SER B 10 -23.97 -4.09 20.84
N LEU B 11 -22.70 -3.92 20.41
CA LEU B 11 -22.39 -3.97 18.93
C LEU B 11 -22.70 -5.35 18.38
N ILE B 12 -22.29 -6.36 19.15
CA ILE B 12 -22.55 -7.74 18.71
C ILE B 12 -24.04 -8.02 18.62
N GLN B 13 -24.76 -7.58 19.65
CA GLN B 13 -26.18 -7.73 19.67
C GLN B 13 -26.83 -7.03 18.45
N LYS B 14 -26.39 -5.83 18.16
CA LYS B 14 -27.02 -5.12 17.02
C LYS B 14 -26.56 -5.71 15.67
N ALA B 15 -25.35 -6.24 15.60
CA ALA B 15 -24.99 -6.93 14.35
C ALA B 15 -25.98 -8.11 14.09
N LYS B 16 -26.36 -8.86 15.13
CA LYS B 16 -27.35 -9.94 14.95
C LYS B 16 -28.75 -9.47 14.58
N LEU B 17 -29.16 -8.31 15.11
CA LEU B 17 -30.43 -7.71 14.72
C LEU B 17 -30.38 -7.27 13.27
N ALA B 18 -29.30 -6.60 12.88
CA ALA B 18 -29.15 -6.14 11.50
C ALA B 18 -29.18 -7.35 10.53
N GLU B 19 -28.52 -8.46 10.89
CA GLU B 19 -28.55 -9.70 10.08
C GLU B 19 -30.00 -10.18 9.88
N GLN B 20 -30.76 -10.21 10.98
CA GLN B 20 -32.20 -10.53 10.96
CA GLN B 20 -32.19 -10.55 10.92
C GLN B 20 -33.00 -9.60 10.06
N ALA B 21 -32.65 -8.32 10.07
CA ALA B 21 -33.33 -7.38 9.21
C ALA B 21 -32.78 -7.30 7.79
N GLU B 22 -31.80 -8.14 7.47
CA GLU B 22 -31.08 -8.12 6.18
CA GLU B 22 -31.08 -8.10 6.18
C GLU B 22 -30.47 -6.73 5.90
N ARG B 23 -29.95 -6.07 6.95
CA ARG B 23 -29.31 -4.76 6.81
C ARG B 23 -27.78 -4.99 6.90
N TYR B 24 -27.22 -5.47 5.80
CA TYR B 24 -25.89 -6.00 5.87
C TYR B 24 -24.85 -4.91 6.02
N GLU B 25 -25.11 -3.71 5.49
CA GLU B 25 -24.16 -2.63 5.69
CA GLU B 25 -24.19 -2.59 5.68
C GLU B 25 -24.09 -2.27 7.18
N ASP B 26 -25.25 -2.22 7.81
CA ASP B 26 -25.29 -1.92 9.28
C ASP B 26 -24.56 -3.04 10.01
N MET B 27 -24.88 -4.29 9.64
CA MET B 27 -24.21 -5.46 10.23
C MET B 27 -22.69 -5.34 10.16
N ALA B 28 -22.12 -4.96 9.00
CA ALA B 28 -20.70 -4.86 8.86
C ALA B 28 -20.18 -3.69 9.66
N ALA B 29 -20.95 -2.59 9.73
CA ALA B 29 -20.43 -1.43 10.51
C ALA B 29 -20.41 -1.81 12.01
N PHE B 30 -21.43 -2.55 12.47
CA PHE B 30 -21.44 -2.95 13.87
C PHE B 30 -20.23 -3.90 14.19
N MET B 31 -19.98 -4.85 13.27
CA MET B 31 -18.92 -5.83 13.46
C MET B 31 -17.53 -5.15 13.35
N LYS B 32 -17.41 -4.17 12.47
CA LYS B 32 -16.22 -3.32 12.45
C LYS B 32 -15.97 -2.67 13.81
N GLY B 33 -17.02 -2.06 14.34
CA GLY B 33 -16.97 -1.44 15.69
C GLY B 33 -16.53 -2.51 16.74
N ALA B 34 -17.10 -3.71 16.70
CA ALA B 34 -16.72 -4.75 17.67
C ALA B 34 -15.24 -5.10 17.55
N VAL B 35 -14.76 -5.28 16.30
CA VAL B 35 -13.37 -5.65 16.09
C VAL B 35 -12.47 -4.51 16.61
N GLU B 36 -12.88 -3.27 16.36
CA GLU B 36 -12.06 -2.12 16.82
C GLU B 36 -12.03 -1.92 18.36
N LYS B 37 -12.81 -2.68 19.13
CA LYS B 37 -12.66 -2.69 20.61
C LYS B 37 -11.31 -3.30 21.00
N GLY B 38 -10.77 -4.11 20.09
CA GLY B 38 -9.43 -4.66 20.29
C GLY B 38 -9.35 -5.97 21.01
N GLU B 39 -10.50 -6.58 21.31
CA GLU B 39 -10.52 -7.97 21.85
C GLU B 39 -10.59 -9.03 20.74
N GLU B 40 -10.01 -10.21 20.99
CA GLU B 40 -10.17 -11.29 19.99
CA GLU B 40 -10.17 -11.34 20.07
C GLU B 40 -11.63 -11.58 19.72
N LEU B 41 -11.91 -12.18 18.53
CA LEU B 41 -13.28 -12.63 18.25
C LEU B 41 -13.44 -14.13 18.46
N SER B 42 -14.59 -14.55 19.00
CA SER B 42 -14.98 -15.99 19.04
C SER B 42 -15.26 -16.51 17.61
N GLU B 44 -17.95 -17.76 16.43
CA GLU B 44 -19.22 -17.20 16.06
C GLU B 44 -19.10 -15.71 15.60
N GLU B 45 -18.33 -14.91 16.33
CA GLU B 45 -18.13 -13.49 15.98
C GLU B 45 -17.38 -13.33 14.67
N ARG B 46 -16.35 -14.14 14.44
CA ARG B 46 -15.62 -14.11 13.19
C ARG B 46 -16.52 -14.40 12.03
N ASN B 47 -17.41 -15.37 12.25
CA ASN B 47 -18.37 -15.70 11.22
C ASN B 47 -19.42 -14.58 11.00
N LEU B 48 -19.84 -13.85 12.06
CA LEU B 48 -20.66 -12.63 11.82
C LEU B 48 -19.91 -11.62 10.95
N LEU B 49 -18.63 -11.41 11.23
CA LEU B 49 -17.86 -10.38 10.52
C LEU B 49 -17.75 -10.79 9.06
N SER B 50 -17.42 -12.08 8.84
CA SER B 50 -17.31 -12.61 7.51
C SER B 50 -18.61 -12.57 6.71
N VAL B 51 -19.72 -12.99 7.31
CA VAL B 51 -21.02 -12.90 6.66
C VAL B 51 -21.36 -11.49 6.23
N ALA B 52 -21.17 -10.55 7.15
CA ALA B 52 -21.57 -9.17 6.93
C ALA B 52 -20.83 -8.60 5.74
N TYR B 53 -19.52 -8.65 5.75
CA TYR B 53 -18.80 -8.09 4.66
C TYR B 53 -18.93 -8.86 3.35
N LYS B 54 -19.09 -10.17 3.45
CA LYS B 54 -19.25 -10.92 2.19
C LYS B 54 -20.53 -10.50 1.48
N ASN B 55 -21.58 -10.27 2.24
CA ASN B 55 -22.81 -9.73 1.71
CA ASN B 55 -22.80 -9.73 1.70
C ASN B 55 -22.64 -8.32 1.10
N VAL B 56 -21.95 -7.46 1.79
CA VAL B 56 -21.75 -6.12 1.27
C VAL B 56 -20.92 -6.16 0.01
N VAL B 57 -19.75 -6.80 0.06
CA VAL B 57 -18.83 -6.80 -1.07
CA VAL B 57 -18.86 -6.77 -1.09
C VAL B 57 -19.44 -7.59 -2.25
N GLY B 58 -20.24 -8.61 -1.93
CA GLY B 58 -20.91 -9.45 -2.89
C GLY B 58 -21.85 -8.64 -3.74
N GLY B 59 -22.62 -7.76 -3.09
CA GLY B 59 -23.56 -6.91 -3.83
C GLY B 59 -22.77 -5.94 -4.68
N GLN B 60 -21.68 -5.39 -4.15
CA GLN B 60 -20.84 -4.46 -4.98
C GLN B 60 -20.19 -5.16 -6.13
N ARG B 61 -19.59 -6.32 -5.90
CA ARG B 61 -19.06 -7.10 -7.06
C ARG B 61 -20.11 -7.42 -8.13
N ALA B 62 -21.32 -7.80 -7.72
CA ALA B 62 -22.29 -8.12 -8.71
C ALA B 62 -22.70 -6.85 -9.51
N ALA B 63 -22.78 -5.72 -8.79
CA ALA B 63 -23.07 -4.44 -9.49
C ALA B 63 -21.97 -4.05 -10.48
N TRP B 64 -20.70 -4.17 -10.02
CA TRP B 64 -19.56 -3.87 -10.87
C TRP B 64 -19.57 -4.73 -12.13
N ARG B 65 -19.92 -6.00 -11.99
CA ARG B 65 -19.89 -6.91 -13.13
CA ARG B 65 -19.92 -6.95 -13.11
C ARG B 65 -20.99 -6.55 -14.14
N VAL B 66 -22.15 -6.14 -13.64
CA VAL B 66 -23.25 -5.72 -14.48
C VAL B 66 -22.80 -4.52 -15.32
N LEU B 67 -22.25 -3.48 -14.65
CA LEU B 67 -21.77 -2.23 -15.28
C LEU B 67 -20.58 -2.47 -16.27
N SER B 68 -19.61 -3.27 -15.85
CA SER B 68 -18.50 -3.71 -16.71
CA SER B 68 -18.52 -3.66 -16.73
C SER B 68 -19.02 -4.31 -18.00
N SER B 69 -20.05 -5.15 -17.89
CA SER B 69 -20.65 -5.79 -19.05
CA SER B 69 -20.62 -5.81 -19.05
C SER B 69 -21.24 -4.81 -20.04
N ILE B 70 -22.06 -3.90 -19.50
CA ILE B 70 -22.65 -2.81 -20.29
C ILE B 70 -21.54 -1.96 -20.93
N GLU B 71 -20.47 -1.68 -20.18
CA GLU B 71 -19.39 -0.86 -20.64
C GLU B 71 -18.73 -1.52 -21.83
N GLN B 72 -18.52 -2.84 -21.70
CA GLN B 72 -17.81 -3.60 -22.73
C GLN B 72 -18.63 -3.68 -24.01
N LYS B 73 -19.92 -4.03 -23.92
CA LYS B 73 -20.83 -3.94 -25.06
C LYS B 73 -20.88 -2.54 -25.75
N SER B 74 -21.00 -1.46 -24.98
CA SER B 74 -20.91 -0.12 -25.61
C SER B 74 -19.54 0.18 -26.28
N ASN B 75 -18.66 -0.85 -26.33
CA ASN B 75 -17.26 -0.84 -26.83
C ASN B 75 -16.35 0.18 -26.16
N GLY B 83 -20.69 7.89 -24.88
CA GLY B 83 -20.65 8.72 -23.68
C GLY B 83 -19.88 8.14 -22.51
N PRO B 84 -19.36 9.01 -21.66
CA PRO B 84 -18.49 8.57 -20.60
C PRO B 84 -19.31 7.99 -19.40
N GLU B 85 -20.64 8.12 -19.45
CA GLU B 85 -21.42 7.82 -18.23
C GLU B 85 -21.24 6.38 -17.74
N VAL B 86 -21.31 5.35 -18.60
CA VAL B 86 -21.18 4.01 -18.03
CA VAL B 86 -21.14 3.97 -18.06
C VAL B 86 -19.81 3.82 -17.34
N ARG B 87 -18.75 4.29 -17.99
CA ARG B 87 -17.45 4.15 -17.35
CA ARG B 87 -17.41 4.21 -17.43
C ARG B 87 -17.42 4.93 -16.07
N GLU B 88 -17.99 6.13 -16.05
CA GLU B 88 -17.94 6.93 -14.79
C GLU B 88 -18.63 6.19 -13.65
N TYR B 89 -19.82 5.67 -13.96
CA TYR B 89 -20.58 5.04 -12.87
C TYR B 89 -19.94 3.70 -12.50
N ARG B 90 -19.38 2.98 -13.50
CA ARG B 90 -18.59 1.77 -13.13
C ARG B 90 -17.44 2.17 -12.15
N GLU B 91 -16.72 3.26 -12.43
CA GLU B 91 -15.60 3.73 -11.60
C GLU B 91 -16.08 4.14 -10.21
N LYS B 92 -17.30 4.69 -10.13
CA LYS B 92 -17.88 5.01 -8.81
CA LYS B 92 -17.88 5.00 -8.82
C LYS B 92 -18.09 3.74 -7.95
N VAL B 93 -18.71 2.73 -8.52
CA VAL B 93 -19.00 1.49 -7.79
C VAL B 93 -17.65 0.83 -7.45
N GLU B 94 -16.72 0.89 -8.42
CA GLU B 94 -15.37 0.39 -8.20
C GLU B 94 -14.69 1.00 -7.02
N THR B 95 -14.73 2.31 -6.93
CA THR B 95 -14.13 3.00 -5.81
CA THR B 95 -14.09 2.96 -5.80
C THR B 95 -14.77 2.62 -4.46
N GLU B 96 -16.10 2.49 -4.43
CA GLU B 96 -16.78 2.05 -3.21
CA GLU B 96 -16.83 2.04 -3.22
C GLU B 96 -16.40 0.62 -2.81
N LEU B 97 -16.30 -0.25 -3.81
CA LEU B 97 -15.91 -1.65 -3.56
CA LEU B 97 -15.91 -1.65 -3.59
C LEU B 97 -14.49 -1.65 -3.03
N GLN B 98 -13.59 -0.88 -3.66
CA GLN B 98 -12.20 -0.78 -3.15
C GLN B 98 -12.18 -0.33 -1.70
N GLY B 99 -13.05 0.63 -1.35
CA GLY B 99 -13.09 1.11 0.04
C GLY B 99 -13.51 0.06 1.03
N VAL B 100 -14.51 -0.74 0.69
CA VAL B 100 -14.93 -1.81 1.59
C VAL B 100 -13.80 -2.87 1.76
N CYS B 101 -13.15 -3.24 0.67
CA CYS B 101 -12.06 -4.22 0.74
C CYS B 101 -10.96 -3.63 1.56
N ASP B 102 -10.63 -2.33 1.34
CA ASP B 102 -9.51 -1.76 2.12
C ASP B 102 -9.89 -1.75 3.62
N THR B 103 -11.18 -1.55 3.93
CA THR B 103 -11.65 -1.57 5.31
C THR B 103 -11.44 -2.95 5.97
N VAL B 104 -11.96 -3.98 5.31
CA VAL B 104 -11.74 -5.39 5.80
C VAL B 104 -10.26 -5.71 5.96
N LEU B 105 -9.43 -5.36 4.98
CA LEU B 105 -8.02 -5.67 5.05
C LEU B 105 -7.39 -4.90 6.24
N GLY B 106 -7.91 -3.71 6.48
CA GLY B 106 -7.39 -2.80 7.56
C GLY B 106 -7.70 -3.49 8.91
N LEU B 107 -8.87 -4.12 9.02
CA LEU B 107 -9.16 -4.82 10.27
CA LEU B 107 -9.23 -4.85 10.25
C LEU B 107 -8.32 -6.11 10.45
N LEU B 108 -8.10 -6.86 9.35
CA LEU B 108 -7.27 -8.08 9.42
C LEU B 108 -5.85 -7.70 9.80
N ASP B 109 -5.31 -6.62 9.24
CA ASP B 109 -3.95 -6.17 9.55
CA ASP B 109 -3.95 -6.15 9.55
CA ASP B 109 -3.94 -6.30 9.63
C ASP B 109 -3.83 -5.44 10.90
N SER B 110 -4.93 -4.83 11.35
CA SER B 110 -4.93 -4.03 12.61
C SER B 110 -6.13 -4.35 13.47
N HIS B 111 -6.14 -5.50 14.16
CA HIS B 111 -4.98 -6.38 14.36
C HIS B 111 -5.44 -7.90 14.50
N LEU B 112 -6.42 -8.27 13.68
CA LEU B 112 -7.03 -9.59 13.89
C LEU B 112 -6.01 -10.71 13.67
N ILE B 113 -5.26 -10.63 12.55
CA ILE B 113 -4.31 -11.73 12.22
C ILE B 113 -3.28 -11.97 13.40
N LYS B 114 -2.65 -10.89 13.85
CA LYS B 114 -1.52 -11.06 14.81
C LYS B 114 -2.01 -11.43 16.18
N GLU B 115 -3.26 -11.10 16.48
CA GLU B 115 -3.87 -11.44 17.75
C GLU B 115 -4.65 -12.77 17.75
N ALA B 116 -4.76 -13.47 16.62
CA ALA B 116 -5.60 -14.65 16.57
C ALA B 116 -4.94 -15.67 17.47
N GLY B 117 -5.70 -16.25 18.38
CA GLY B 117 -5.06 -17.05 19.41
C GLY B 117 -4.89 -18.51 19.08
N ASP B 118 -5.34 -18.96 17.90
CA ASP B 118 -5.30 -20.38 17.54
C ASP B 118 -5.17 -20.58 16.04
N ALA B 119 -4.72 -21.78 15.60
CA ALA B 119 -4.52 -22.06 14.18
C ALA B 119 -5.75 -21.85 13.31
N GLU B 120 -6.91 -22.34 13.76
CA GLU B 120 -8.05 -22.23 12.90
CA GLU B 120 -8.14 -22.22 12.99
C GLU B 120 -8.46 -20.74 12.70
N SER B 121 -8.31 -19.91 13.72
CA SER B 121 -8.69 -18.51 13.50
CA SER B 121 -8.66 -18.50 13.57
C SER B 121 -7.62 -17.80 12.67
N ARG B 122 -6.33 -18.16 12.83
CA ARG B 122 -5.32 -17.51 12.02
CA ARG B 122 -5.26 -17.58 12.02
C ARG B 122 -5.51 -17.88 10.53
N VAL B 123 -5.88 -19.15 10.25
CA VAL B 123 -6.14 -19.55 8.88
C VAL B 123 -7.34 -18.83 8.33
N PHE B 124 -8.36 -18.70 9.18
CA PHE B 124 -9.62 -18.08 8.77
C PHE B 124 -9.30 -16.61 8.34
N TYR B 125 -8.53 -15.91 9.12
CA TYR B 125 -8.28 -14.47 8.77
C TYR B 125 -7.33 -14.32 7.62
N LEU B 126 -6.34 -15.22 7.52
CA LEU B 126 -5.39 -15.11 6.44
C LEU B 126 -6.10 -15.43 5.10
N LYS B 127 -6.97 -16.43 5.13
CA LYS B 127 -7.80 -16.70 3.94
C LYS B 127 -8.67 -15.50 3.58
N MET B 128 -9.25 -14.84 4.57
CA MET B 128 -10.03 -13.63 4.28
CA MET B 128 -10.04 -13.64 4.28
C MET B 128 -9.12 -12.59 3.66
N LYS B 129 -7.88 -12.46 4.18
CA LYS B 129 -6.96 -11.47 3.64
C LYS B 129 -6.70 -11.79 2.17
N GLY B 130 -6.50 -13.07 1.85
CA GLY B 130 -6.22 -13.39 0.43
C GLY B 130 -7.49 -13.05 -0.40
N ASP B 131 -8.66 -13.44 0.11
CA ASP B 131 -9.94 -13.28 -0.65
C ASP B 131 -10.19 -11.80 -0.96
N TYR B 132 -9.89 -10.93 0.03
CA TYR B 132 -10.21 -9.50 -0.17
C TYR B 132 -9.19 -8.79 -1.06
N TYR B 133 -7.91 -9.19 -1.00
CA TYR B 133 -6.97 -8.76 -2.01
C TYR B 133 -7.39 -9.29 -3.36
N ARG B 134 -7.93 -10.51 -3.39
CA ARG B 134 -8.42 -11.04 -4.65
C ARG B 134 -9.55 -10.18 -5.25
N TYR B 135 -10.50 -9.75 -4.43
CA TYR B 135 -11.59 -8.87 -4.90
C TYR B 135 -10.99 -7.56 -5.44
N LEU B 136 -9.92 -7.07 -4.83
CA LEU B 136 -9.27 -5.83 -5.34
C LEU B 136 -8.63 -6.12 -6.66
N ALA B 137 -8.04 -7.31 -6.80
CA ALA B 137 -7.32 -7.63 -8.02
C ALA B 137 -8.31 -7.66 -9.16
N GLU B 138 -9.54 -8.13 -8.88
CA GLU B 138 -10.49 -8.23 -9.97
C GLU B 138 -10.78 -6.90 -10.65
N VAL B 139 -10.67 -5.82 -9.92
CA VAL B 139 -10.97 -4.50 -10.58
C VAL B 139 -9.70 -3.66 -10.71
N ALA B 140 -8.57 -4.19 -10.29
CA ALA B 140 -7.31 -3.43 -10.44
C ALA B 140 -6.69 -3.51 -11.84
N THR B 141 -5.81 -2.55 -12.13
CA THR B 141 -5.11 -2.55 -13.42
C THR B 141 -3.62 -2.33 -13.13
N GLY B 142 -2.75 -2.76 -14.05
CA GLY B 142 -1.40 -2.27 -14.07
C GLY B 142 -0.51 -2.68 -12.91
N ASP B 143 0.40 -1.78 -12.53
CA ASP B 143 1.33 -2.11 -11.42
C ASP B 143 0.59 -2.35 -10.07
N ASP B 144 -0.48 -1.58 -9.83
CA ASP B 144 -1.25 -1.73 -8.63
C ASP B 144 -1.80 -3.19 -8.63
N LYS B 145 -2.33 -3.67 -9.75
CA LYS B 145 -2.86 -5.07 -9.83
C LYS B 145 -1.77 -6.08 -9.49
N LYS B 146 -0.54 -5.85 -9.98
CA LYS B 146 0.57 -6.79 -9.74
C LYS B 146 0.93 -6.85 -8.27
N ARG B 147 0.99 -5.68 -7.64
CA ARG B 147 1.26 -5.64 -6.17
C ARG B 147 0.17 -6.40 -5.41
N ILE B 148 -1.08 -6.19 -5.81
CA ILE B 148 -2.21 -6.76 -5.08
C ILE B 148 -2.18 -8.28 -5.21
N ILE B 149 -1.88 -8.74 -6.43
CA ILE B 149 -1.76 -10.17 -6.73
C ILE B 149 -0.73 -10.79 -5.82
N ASP B 150 0.41 -10.13 -5.67
CA ASP B 150 1.47 -10.65 -4.81
CA ASP B 150 1.47 -10.64 -4.82
C ASP B 150 1.07 -10.66 -3.32
N SER B 151 0.35 -9.62 -2.88
CA SER B 151 -0.14 -9.61 -1.51
C SER B 151 -1.16 -10.73 -1.31
N ALA B 152 -2.04 -10.95 -2.30
CA ALA B 152 -3.09 -12.03 -2.14
C ALA B 152 -2.32 -13.40 -2.04
N ARG B 153 -1.37 -13.62 -2.97
CA ARG B 153 -0.58 -14.86 -3.01
C ARG B 153 0.08 -15.10 -1.65
N SER B 154 0.71 -14.09 -1.11
CA SER B 154 1.41 -14.21 0.14
CA SER B 154 1.42 -14.26 0.14
C SER B 154 0.52 -14.60 1.33
N ALA B 155 -0.69 -13.99 1.40
CA ALA B 155 -1.59 -14.24 2.54
C ALA B 155 -2.13 -15.68 2.43
N TYR B 156 -2.57 -16.05 1.22
CA TYR B 156 -3.04 -17.41 1.03
C TYR B 156 -1.91 -18.42 1.33
N GLN B 157 -0.71 -18.15 0.86
CA GLN B 157 0.39 -19.11 1.09
C GLN B 157 0.63 -19.28 2.59
N GLU B 158 0.60 -18.19 3.33
CA GLU B 158 0.81 -18.30 4.79
CA GLU B 158 0.78 -18.23 4.77
C GLU B 158 -0.30 -19.13 5.38
N ALA B 159 -1.55 -18.93 4.93
CA ALA B 159 -2.61 -19.73 5.44
C ALA B 159 -2.37 -21.20 5.08
N MET B 160 -1.92 -21.46 3.88
CA MET B 160 -1.74 -22.86 3.45
C MET B 160 -0.71 -23.53 4.37
N ASP B 161 0.39 -22.81 4.62
CA ASP B 161 1.45 -23.36 5.51
C ASP B 161 0.94 -23.78 6.86
N ILE B 162 0.16 -22.90 7.50
CA ILE B 162 -0.40 -23.23 8.79
C ILE B 162 -1.38 -24.39 8.69
N SER B 163 -2.24 -24.37 7.68
CA SER B 163 -3.29 -25.34 7.64
C SER B 163 -2.62 -26.71 7.38
N LYS B 164 -1.53 -26.74 6.62
CA LYS B 164 -0.87 -28.05 6.38
C LYS B 164 -0.18 -28.63 7.63
N LYS B 165 0.32 -27.74 8.47
CA LYS B 165 0.95 -28.11 9.74
C LYS B 165 -0.09 -28.46 10.82
N GLU B 166 -1.25 -27.81 10.86
CA GLU B 166 -2.12 -27.92 12.02
C GLU B 166 -3.48 -28.55 11.82
N MET B 167 -3.89 -28.78 10.59
CA MET B 167 -5.24 -29.29 10.31
CA MET B 167 -5.24 -29.30 10.33
C MET B 167 -5.15 -30.54 9.48
N PRO B 168 -6.05 -31.52 9.71
CA PRO B 168 -6.00 -32.66 8.83
C PRO B 168 -6.49 -32.31 7.40
N PRO B 169 -6.12 -33.16 6.46
CA PRO B 169 -6.34 -32.79 5.06
C PRO B 169 -7.81 -32.77 4.63
N THR B 170 -8.71 -33.33 5.43
CA THR B 170 -10.12 -33.26 5.10
C THR B 170 -10.82 -32.09 5.85
N ASN B 171 -10.10 -31.35 6.67
CA ASN B 171 -10.73 -30.28 7.45
C ASN B 171 -11.37 -29.22 6.49
N PRO B 172 -12.67 -28.88 6.67
CA PRO B 172 -13.36 -28.02 5.70
C PRO B 172 -12.69 -26.62 5.55
N ILE B 173 -12.09 -26.12 6.63
CA ILE B 173 -11.45 -24.83 6.54
C ILE B 173 -10.25 -24.92 5.58
N ARG B 174 -9.47 -25.98 5.74
CA ARG B 174 -8.27 -26.19 4.93
C ARG B 174 -8.73 -26.44 3.50
N LEU B 175 -9.77 -27.25 3.34
CA LEU B 175 -10.30 -27.49 1.97
C LEU B 175 -10.79 -26.19 1.30
N GLY B 176 -11.54 -25.38 2.04
CA GLY B 176 -12.06 -24.12 1.47
C GLY B 176 -10.96 -23.15 1.12
N LEU B 177 -9.94 -23.09 1.96
CA LEU B 177 -8.76 -22.30 1.68
C LEU B 177 -8.10 -22.71 0.38
N ALA B 178 -7.81 -24.00 0.24
CA ALA B 178 -7.23 -24.52 -0.99
C ALA B 178 -8.11 -24.18 -2.21
N LEU B 179 -9.45 -24.30 -2.08
CA LEU B 179 -10.36 -24.04 -3.17
C LEU B 179 -10.16 -22.57 -3.63
N ASN B 180 -10.24 -21.65 -2.67
CA ASN B 180 -10.11 -20.23 -3.06
C ASN B 180 -8.74 -19.87 -3.59
N PHE B 181 -7.70 -20.46 -3.03
CA PHE B 181 -6.36 -20.17 -3.51
C PHE B 181 -6.19 -20.69 -4.94
N SER B 182 -6.67 -21.91 -5.21
CA SER B 182 -6.57 -22.44 -6.57
C SER B 182 -7.35 -21.57 -7.56
N VAL B 183 -8.49 -21.02 -7.12
CA VAL B 183 -9.30 -20.11 -8.00
C VAL B 183 -8.49 -18.86 -8.27
N PHE B 184 -7.83 -18.37 -7.21
CA PHE B 184 -6.96 -17.21 -7.34
C PHE B 184 -5.90 -17.46 -8.40
N HIS B 185 -5.23 -18.60 -8.29
CA HIS B 185 -4.20 -18.96 -9.28
C HIS B 185 -4.75 -18.93 -10.71
N TYR B 186 -5.90 -19.54 -10.90
CA TYR B 186 -6.44 -19.69 -12.26
C TYR B 186 -7.02 -18.34 -12.81
N GLU B 187 -7.85 -17.68 -12.01
CA GLU B 187 -8.62 -16.55 -12.47
CA GLU B 187 -8.71 -16.51 -12.39
C GLU B 187 -7.87 -15.23 -12.36
N ILE B 188 -6.98 -15.15 -11.39
CA ILE B 188 -6.31 -13.87 -11.07
C ILE B 188 -4.89 -13.89 -11.50
N ALA B 189 -4.16 -14.92 -11.07
CA ALA B 189 -2.71 -14.84 -11.16
C ALA B 189 -2.29 -15.37 -12.52
N ASN B 190 -3.28 -15.71 -13.35
CA ASN B 190 -3.03 -16.36 -14.62
C ASN B 190 -2.00 -17.52 -14.53
N SER B 191 -2.21 -18.41 -13.55
CA SER B 191 -1.31 -19.51 -13.28
CA SER B 191 -1.32 -19.54 -13.32
C SER B 191 -2.11 -20.82 -13.32
N PRO B 192 -2.53 -21.26 -14.51
CA PRO B 192 -3.40 -22.44 -14.53
C PRO B 192 -2.71 -23.68 -13.97
N GLU B 193 -1.40 -23.78 -14.15
CA GLU B 193 -0.66 -24.99 -13.68
C GLU B 193 -0.65 -25.08 -12.15
N GLU B 194 -0.33 -23.96 -11.49
CA GLU B 194 -0.44 -23.92 -10.00
C GLU B 194 -1.91 -24.18 -9.56
N ALA B 195 -2.88 -23.68 -10.32
CA ALA B 195 -4.29 -23.84 -9.88
C ALA B 195 -4.61 -25.32 -9.86
N ILE B 196 -4.30 -25.96 -10.99
CA ILE B 196 -4.55 -27.38 -11.19
CA ILE B 196 -4.64 -27.37 -11.16
C ILE B 196 -3.83 -28.25 -10.20
N SER B 197 -2.52 -27.99 -10.00
CA SER B 197 -1.82 -28.88 -9.12
CA SER B 197 -1.71 -28.79 -9.08
CA SER B 197 -1.73 -28.80 -9.08
C SER B 197 -2.24 -28.72 -7.65
N LEU B 198 -2.57 -27.50 -7.22
CA LEU B 198 -3.06 -27.33 -5.87
C LEU B 198 -4.43 -28.03 -5.73
N ALA B 199 -5.34 -27.86 -6.69
CA ALA B 199 -6.68 -28.43 -6.52
C ALA B 199 -6.56 -29.96 -6.53
N LYS B 200 -5.67 -30.48 -7.38
CA LYS B 200 -5.52 -31.96 -7.50
C LYS B 200 -4.89 -32.52 -6.23
N THR B 201 -3.78 -31.93 -5.76
CA THR B 201 -3.21 -32.51 -4.53
CA THR B 201 -3.15 -32.42 -4.53
C THR B 201 -4.11 -32.39 -3.34
N THR B 202 -4.88 -31.31 -3.25
CA THR B 202 -5.80 -31.18 -2.12
C THR B 202 -6.88 -32.24 -2.21
N PHE B 203 -7.44 -32.44 -3.41
CA PHE B 203 -8.44 -33.48 -3.63
C PHE B 203 -7.91 -34.87 -3.22
N ASP B 204 -6.74 -35.25 -3.73
CA ASP B 204 -6.17 -36.57 -3.41
C ASP B 204 -5.88 -36.75 -1.95
N GLU B 205 -5.30 -35.72 -1.33
CA GLU B 205 -4.92 -35.87 0.07
C GLU B 205 -6.16 -35.98 0.96
N ALA B 206 -7.22 -35.30 0.57
CA ALA B 206 -8.50 -35.44 1.33
C ALA B 206 -9.10 -36.81 1.09
N MET B 207 -9.13 -37.23 -0.17
CA MET B 207 -9.69 -38.58 -0.47
C MET B 207 -9.07 -39.75 0.36
N ALA B 208 -7.77 -39.67 0.58
CA ALA B 208 -7.04 -40.67 1.35
C ALA B 208 -7.64 -40.89 2.70
N ASP B 209 -8.19 -39.81 3.30
CA ASP B 209 -8.71 -39.88 4.64
C ASP B 209 -10.22 -39.99 4.82
N LEU B 210 -10.96 -39.97 3.71
CA LEU B 210 -12.44 -40.03 3.82
C LEU B 210 -12.93 -41.25 4.63
N HIS B 211 -12.27 -42.40 4.45
CA HIS B 211 -12.69 -43.64 5.14
C HIS B 211 -12.70 -43.49 6.67
N THR B 212 -12.01 -42.47 7.19
CA THR B 212 -11.89 -42.36 8.63
C THR B 212 -12.96 -41.45 9.21
N LEU B 213 -13.85 -40.93 8.35
CA LEU B 213 -14.70 -39.87 8.84
C LEU B 213 -16.07 -40.38 9.30
N SER B 214 -16.63 -39.64 10.23
CA SER B 214 -18.07 -39.75 10.52
C SER B 214 -18.89 -39.42 9.28
N GLU B 215 -20.13 -39.91 9.26
CA GLU B 215 -21.05 -39.57 8.16
C GLU B 215 -21.17 -38.09 7.90
N ASP B 216 -21.35 -37.28 8.96
CA ASP B 216 -21.47 -35.85 8.78
CA ASP B 216 -21.45 -35.85 8.82
C ASP B 216 -20.16 -35.21 8.24
N SER B 217 -19.01 -35.61 8.79
CA SER B 217 -17.74 -35.07 8.30
C SER B 217 -17.45 -35.46 6.85
N TYR B 218 -17.79 -36.71 6.50
CA TYR B 218 -17.60 -37.19 5.14
C TYR B 218 -18.42 -36.26 4.18
N LYS B 219 -19.66 -35.95 4.58
CA LYS B 219 -20.50 -35.02 3.79
C LYS B 219 -19.86 -33.66 3.67
N ASP B 220 -19.37 -33.10 4.78
CA ASP B 220 -18.81 -31.78 4.74
C ASP B 220 -17.61 -31.78 3.75
N SER B 221 -16.76 -32.78 3.88
CA SER B 221 -15.46 -32.80 3.12
C SER B 221 -15.72 -33.07 1.65
N THR B 222 -16.59 -34.04 1.37
CA THR B 222 -16.88 -34.40 -0.04
C THR B 222 -17.61 -33.25 -0.75
N LEU B 223 -18.37 -32.45 0.00
CA LEU B 223 -19.00 -31.26 -0.57
CA LEU B 223 -19.01 -31.30 -0.63
C LEU B 223 -17.98 -30.32 -1.18
N ILE B 224 -16.95 -30.01 -0.41
CA ILE B 224 -15.95 -29.04 -0.88
C ILE B 224 -14.98 -29.71 -1.87
N MET B 225 -14.71 -31.01 -1.68
CA MET B 225 -13.99 -31.72 -2.74
C MET B 225 -14.74 -31.65 -4.07
N GLN B 226 -16.08 -31.66 -4.03
CA GLN B 226 -16.77 -31.58 -5.32
C GLN B 226 -16.59 -30.20 -5.96
N LEU B 227 -16.50 -29.16 -5.11
CA LEU B 227 -16.22 -27.80 -5.62
C LEU B 227 -14.82 -27.73 -6.25
N LEU B 228 -13.81 -28.37 -5.64
CA LEU B 228 -12.50 -28.51 -6.28
C LEU B 228 -12.62 -29.26 -7.59
N ARG B 229 -13.42 -30.31 -7.55
CA ARG B 229 -13.60 -31.14 -8.75
C ARG B 229 -14.29 -30.33 -9.87
N ASP B 230 -15.30 -29.53 -9.54
CA ASP B 230 -16.00 -28.83 -10.62
C ASP B 230 -15.00 -27.89 -11.32
N ASN B 231 -14.07 -27.29 -10.54
CA ASN B 231 -13.03 -26.42 -11.08
C ASN B 231 -11.98 -27.18 -11.90
N LEU B 232 -11.50 -28.33 -11.39
CA LEU B 232 -10.62 -29.14 -12.23
C LEU B 232 -11.27 -29.49 -13.54
N THR B 233 -12.56 -29.80 -13.53
CA THR B 233 -13.24 -30.11 -14.81
C THR B 233 -13.24 -28.90 -15.75
N LEU B 234 -13.51 -27.71 -15.21
CA LEU B 234 -13.53 -26.48 -16.00
C LEU B 234 -12.14 -26.17 -16.57
N TRP B 235 -11.09 -26.52 -15.82
CA TRP B 235 -9.71 -26.12 -16.17
C TRP B 235 -8.88 -27.11 -16.93
N THR B 236 -9.34 -28.34 -17.02
CA THR B 236 -8.56 -29.37 -17.66
C THR B 236 -9.45 -30.06 -18.70
N ARG C 2 5.18 27.34 4.56
CA ARG C 2 5.69 25.92 4.61
C ARG C 2 7.23 25.88 4.55
N THR C 3 7.88 25.17 5.46
CA THR C 3 9.36 25.10 5.43
C THR C 3 9.92 24.43 4.15
N PRO C 4 10.89 25.06 3.50
CA PRO C 4 11.46 24.30 2.36
C PRO C 4 12.30 23.00 2.67
N LEU C 6 14.78 19.72 0.74
CA LEU C 6 15.93 19.77 -0.14
C LEU C 6 15.54 20.08 -1.59
N PRO C 7 16.23 21.04 -2.26
CA PRO C 7 15.72 21.41 -3.59
C PRO C 7 16.34 20.49 -4.65
N THR C 8 17.32 19.69 -4.26
CA THR C 8 18.01 18.78 -5.22
C THR C 8 17.45 17.35 -4.88
N PRO C 9 17.76 16.28 -5.64
CA PRO C 9 17.46 14.85 -5.21
C PRO C 9 18.28 14.55 -3.95
N THR D 3 -14.79 -18.62 -12.60
CA THR D 3 -14.62 -19.84 -11.74
C THR D 3 -15.11 -19.57 -10.27
N PRO D 4 -15.99 -20.46 -9.71
CA PRO D 4 -16.56 -20.11 -8.38
C PRO D 4 -15.70 -20.51 -7.18
N LEU D 6 -15.41 -20.41 -2.83
CA LEU D 6 -16.23 -20.92 -1.73
C LEU D 6 -17.54 -20.10 -1.51
N PRO D 7 -18.71 -20.78 -1.51
CA PRO D 7 -19.95 -20.01 -1.22
C PRO D 7 -20.09 -19.85 0.29
#